data_3P48
#
_entry.id   3P48
#
_cell.length_a   51.784
_cell.length_b   58.868
_cell.length_c   112.381
_cell.angle_alpha   90.00
_cell.angle_beta   90.00
_cell.angle_gamma   90.00
#
_symmetry.space_group_name_H-M   'P 21 21 21'
#
loop_
_entity.id
_entity.type
_entity.pdbx_description
1 polymer "Deoxyuridine 5'-triphosphate nucleotidohydrolase"
2 non-polymer "2'-DEOXYURIDINE 5'-ALPHA,BETA-IMIDO-TRIPHOSPHATE"
3 non-polymer 'MAGNESIUM ION'
4 water water
#
_entity_poly.entity_id   1
_entity_poly.type   'polypeptide(L)'
_entity_poly.pdbx_seq_one_letter_code
;MTATSDKVLKIQLRSASATVPTKGSATAAGYDIYASQDITIPAMGQGMVSTDISFTVPVGTYGRIAPRSGLAVKNGIQTG
AGVVDRDYTGEVKVVLFNHSQRDFAIKKGDRVAQLILEKIVDDAQIVVVDSLEESARGAGGFGSTGN
;
_entity_poly.pdbx_strand_id   A,B,C
#
loop_
_chem_comp.id
_chem_comp.type
_chem_comp.name
_chem_comp.formula
DUP non-polymer '2'-DEOXYURIDINE 5'-ALPHA,BETA-IMIDO-TRIPHOSPHATE' 'C9 H16 N3 O13 P3'
MG non-polymer 'MAGNESIUM ION' 'Mg 2'
#
# COMPACT_ATOMS: atom_id res chain seq x y z
N LYS A 7 -1.73 -21.06 -10.44
CA LYS A 7 -2.57 -20.10 -9.70
C LYS A 7 -2.99 -20.61 -8.32
N VAL A 8 -2.20 -21.49 -7.74
CA VAL A 8 -2.54 -22.04 -6.44
C VAL A 8 -2.08 -21.14 -5.31
N LEU A 9 -2.95 -20.96 -4.31
CA LEU A 9 -2.59 -20.32 -3.06
C LEU A 9 -2.58 -21.45 -2.04
N LYS A 10 -1.42 -21.87 -1.58
CA LYS A 10 -1.32 -23.00 -0.63
C LYS A 10 -1.41 -22.42 0.76
N ILE A 11 -2.27 -23.02 1.60
CA ILE A 11 -2.46 -22.48 2.93
C ILE A 11 -2.18 -23.60 3.91
N GLN A 12 -1.34 -23.33 4.89
CA GLN A 12 -1.09 -24.26 5.97
C GLN A 12 -1.69 -23.69 7.27
N LEU A 13 -2.60 -24.45 7.91
CA LEU A 13 -3.14 -24.07 9.20
C LEU A 13 -2.24 -24.67 10.27
N ARG A 14 -1.71 -23.83 11.13
CA ARG A 14 -0.69 -24.29 12.06
C ARG A 14 -1.29 -24.76 13.38
N SER A 15 -2.45 -24.24 13.73
CA SER A 15 -3.20 -24.70 14.92
C SER A 15 -4.70 -24.74 14.71
N ALA A 16 -5.46 -25.26 15.70
CA ALA A 16 -6.90 -25.32 15.58
C ALA A 16 -7.49 -23.93 15.66
N SER A 17 -6.69 -22.95 16.08
CA SER A 17 -7.16 -21.57 16.24
C SER A 17 -7.06 -20.78 14.96
N ALA A 18 -6.40 -21.35 13.96
CA ALA A 18 -6.31 -20.69 12.66
C ALA A 18 -7.57 -20.86 11.86
N THR A 19 -7.79 -19.92 10.93
CA THR A 19 -8.91 -20.01 10.03
C THR A 19 -8.39 -19.81 8.61
N VAL A 20 -8.86 -20.62 7.68
CA VAL A 20 -8.40 -20.44 6.30
C VAL A 20 -8.87 -19.09 5.82
N PRO A 21 -7.98 -18.29 5.20
CA PRO A 21 -8.44 -16.97 4.69
C PRO A 21 -9.59 -17.10 3.70
N THR A 22 -10.50 -16.16 3.75
CA THR A 22 -11.73 -16.26 3.01
C THR A 22 -12.04 -14.95 2.33
N LYS A 23 -12.41 -15.01 1.07
CA LYS A 23 -12.96 -13.80 0.45
C LYS A 23 -14.32 -13.39 1.06
N GLY A 24 -14.49 -12.09 1.27
CA GLY A 24 -15.70 -11.59 1.93
C GLY A 24 -16.89 -11.65 1.01
N SER A 25 -16.60 -11.76 -0.29
CA SER A 25 -17.62 -11.87 -1.32
C SER A 25 -17.00 -12.60 -2.50
N ALA A 26 -17.85 -13.05 -3.41
CA ALA A 26 -17.39 -13.93 -4.49
C ALA A 26 -16.39 -13.21 -5.37
N THR A 27 -16.42 -11.88 -5.33
CA THR A 27 -15.60 -11.10 -6.26
C THR A 27 -14.60 -10.19 -5.54
N ALA A 28 -14.44 -10.40 -4.23
CA ALA A 28 -13.51 -9.59 -3.44
C ALA A 28 -12.08 -9.68 -3.97
N ALA A 29 -11.32 -8.57 -3.90
CA ALA A 29 -9.94 -8.57 -4.31
C ALA A 29 -9.06 -9.37 -3.33
N GLY A 30 -9.46 -9.34 -2.07
CA GLY A 30 -8.60 -9.84 -1.00
C GLY A 30 -9.28 -10.98 -0.23
N TYR A 31 -8.45 -11.78 0.42
CA TYR A 31 -8.92 -12.84 1.32
C TYR A 31 -8.80 -12.35 2.75
N ASP A 32 -9.89 -12.40 3.52
CA ASP A 32 -9.81 -11.87 4.86
C ASP A 32 -8.93 -12.80 5.70
N ILE A 33 -8.13 -12.20 6.56
CA ILE A 33 -7.21 -12.91 7.43
C ILE A 33 -7.75 -12.83 8.85
N TYR A 34 -7.75 -13.97 9.55
CA TYR A 34 -8.36 -14.08 10.88
C TYR A 34 -7.30 -14.12 12.00
N ALA A 35 -7.54 -13.40 13.08
CA ALA A 35 -6.67 -13.50 14.25
C ALA A 35 -6.85 -14.91 14.84
N SER A 36 -5.76 -15.47 15.33
CA SER A 36 -5.82 -16.76 16.02
C SER A 36 -5.66 -16.61 17.53
N GLN A 37 -5.38 -15.38 18.00
CA GLN A 37 -5.23 -15.16 19.43
C GLN A 37 -5.70 -13.75 19.79
N ASP A 38 -6.32 -13.61 20.96
CA ASP A 38 -6.77 -12.29 21.42
C ASP A 38 -5.59 -11.38 21.59
N ILE A 39 -5.81 -10.12 21.25
CA ILE A 39 -4.80 -9.11 21.46
C ILE A 39 -5.52 -7.75 21.43
N THR A 40 -5.00 -6.77 22.16
CA THR A 40 -5.55 -5.42 22.07
C THR A 40 -4.50 -4.50 21.45
N ILE A 41 -4.92 -3.72 20.48
CA ILE A 41 -4.05 -2.72 19.88
C ILE A 41 -4.30 -1.39 20.60
N PRO A 42 -3.33 -0.87 21.34
CA PRO A 42 -3.65 0.32 22.16
C PRO A 42 -3.89 1.56 21.33
N ALA A 43 -4.68 2.47 21.87
CA ALA A 43 -4.94 3.73 21.22
C ALA A 43 -3.59 4.41 20.93
N MET A 44 -3.50 5.01 19.76
CA MET A 44 -2.27 5.65 19.30
C MET A 44 -1.08 4.71 19.50
N GLY A 45 -1.27 3.43 19.23
CA GLY A 45 -0.22 2.44 19.42
C GLY A 45 -0.22 1.43 18.28
N GLN A 46 0.31 0.26 18.55
CA GLN A 46 0.42 -0.77 17.52
C GLN A 46 0.50 -2.15 18.16
N GLY A 47 0.34 -3.17 17.34
CA GLY A 47 0.36 -4.52 17.84
C GLY A 47 0.70 -5.47 16.70
N MET A 48 1.12 -6.69 17.02
CA MET A 48 1.37 -7.70 15.97
C MET A 48 0.46 -8.89 16.25
N VAL A 49 -0.47 -9.11 15.34
CA VAL A 49 -1.54 -10.09 15.47
C VAL A 49 -1.10 -11.45 14.93
N SER A 50 -1.30 -12.49 15.75
CA SER A 50 -0.98 -13.83 15.29
C SER A 50 -2.11 -14.38 14.43
N THR A 51 -1.76 -15.20 13.45
CA THR A 51 -2.76 -15.85 12.59
C THR A 51 -2.67 -17.40 12.66
N ASP A 52 -1.52 -17.91 13.06
CA ASP A 52 -1.27 -19.35 13.03
C ASP A 52 -1.46 -19.89 11.63
N ILE A 53 -1.15 -19.10 10.59
CA ILE A 53 -1.12 -19.64 9.23
C ILE A 53 0.17 -19.35 8.54
N SER A 54 0.49 -20.21 7.57
CA SER A 54 1.53 -19.93 6.59
C SER A 54 0.91 -20.10 5.21
N PHE A 55 1.47 -19.46 4.21
CA PHE A 55 0.99 -19.66 2.87
C PHE A 55 2.07 -19.41 1.84
N THR A 56 1.85 -20.02 0.68
CA THR A 56 2.67 -19.78 -0.51
C THR A 56 1.77 -19.20 -1.58
N VAL A 57 2.00 -17.91 -1.91
CA VAL A 57 1.18 -17.24 -2.91
C VAL A 57 1.57 -17.73 -4.30
N PRO A 58 0.75 -17.43 -5.31
CA PRO A 58 1.03 -17.89 -6.68
C PRO A 58 2.31 -17.35 -7.32
N VAL A 59 2.85 -18.11 -8.26
CA VAL A 59 4.01 -17.65 -9.03
C VAL A 59 3.68 -16.29 -9.62
N GLY A 60 4.63 -15.37 -9.51
CA GLY A 60 4.49 -14.07 -10.13
C GLY A 60 3.88 -13.06 -9.15
N THR A 61 3.59 -13.45 -7.90
CA THR A 61 2.98 -12.51 -6.95
C THR A 61 3.78 -12.40 -5.65
N TYR A 62 3.41 -11.42 -4.81
CA TYR A 62 3.70 -11.53 -3.38
C TYR A 62 2.36 -11.30 -2.67
N GLY A 63 2.31 -11.65 -1.38
CA GLY A 63 1.07 -11.48 -0.64
C GLY A 63 1.14 -10.14 0.07
N ARG A 64 0.21 -9.24 -0.23
CA ARG A 64 0.20 -7.94 0.46
C ARG A 64 -0.86 -8.03 1.55
N ILE A 65 -0.46 -7.75 2.78
CA ILE A 65 -1.43 -7.66 3.86
C ILE A 65 -2.01 -6.24 3.84
N ALA A 66 -3.27 -6.12 3.45
CA ALA A 66 -3.88 -4.80 3.21
C ALA A 66 -4.99 -4.58 4.26
N PRO A 67 -5.39 -3.32 4.45
CA PRO A 67 -6.37 -3.02 5.51
C PRO A 67 -7.79 -3.30 5.06
N ARG A 68 -8.66 -3.65 6.01
CA ARG A 68 -10.10 -3.65 5.73
C ARG A 68 -10.67 -2.25 5.97
N SER A 69 -11.59 -1.79 5.14
CA SER A 69 -11.96 -0.39 5.24
C SER A 69 -12.82 -0.15 6.47
N GLY A 70 -13.65 -1.13 6.84
CA GLY A 70 -14.48 -0.94 8.02
C GLY A 70 -13.65 -0.67 9.27
N LEU A 71 -12.59 -1.44 9.47
CA LEU A 71 -11.78 -1.25 10.68
C LEU A 71 -11.03 0.10 10.60
N ALA A 72 -10.69 0.52 9.38
CA ALA A 72 -10.02 1.80 9.23
C ALA A 72 -10.93 2.96 9.69
N VAL A 73 -12.16 2.92 9.21
CA VAL A 73 -13.12 3.99 9.51
C VAL A 73 -13.59 3.95 10.95
N LYS A 74 -13.96 2.77 11.42
CA LYS A 74 -14.64 2.68 12.69
C LYS A 74 -13.62 2.69 13.85
N ASN A 75 -12.46 2.05 13.62
CA ASN A 75 -11.51 1.85 14.72
C ASN A 75 -10.14 2.51 14.50
N GLY A 76 -10.00 3.23 13.39
CA GLY A 76 -8.74 3.94 13.12
C GLY A 76 -7.58 3.00 12.83
N ILE A 77 -7.86 1.81 12.28
CA ILE A 77 -6.83 0.79 12.13
C ILE A 77 -6.20 0.81 10.73
N GLN A 78 -4.87 0.76 10.68
CA GLN A 78 -4.14 0.65 9.41
C GLN A 78 -3.17 -0.51 9.52
N THR A 79 -2.96 -1.26 8.43
CA THR A 79 -1.97 -2.35 8.49
C THR A 79 -0.60 -1.71 8.27
N GLY A 80 0.40 -2.25 8.94
CA GLY A 80 1.78 -1.82 8.67
C GLY A 80 2.50 -2.95 7.98
N ALA A 81 3.78 -2.75 7.69
CA ALA A 81 4.57 -3.79 7.04
C ALA A 81 3.81 -4.33 5.82
N GLY A 82 3.57 -5.63 5.72
CA GLY A 82 2.58 -6.08 4.75
C GLY A 82 3.12 -6.78 3.54
N VAL A 83 4.45 -6.90 3.42
CA VAL A 83 4.99 -7.57 2.25
C VAL A 83 5.45 -8.98 2.58
N VAL A 84 4.67 -9.97 2.14
CA VAL A 84 4.98 -11.37 2.36
C VAL A 84 5.51 -12.01 1.10
N ASP A 85 6.76 -12.48 1.16
CA ASP A 85 7.39 -13.06 -0.01
C ASP A 85 6.80 -14.43 -0.33
N ARG A 86 6.82 -14.77 -1.61
CA ARG A 86 6.28 -16.07 -2.03
C ARG A 86 6.97 -17.24 -1.33
N ASP A 87 8.23 -17.10 -1.02
CA ASP A 87 8.99 -18.23 -0.44
C ASP A 87 9.00 -18.25 1.08
N TYR A 88 8.24 -17.36 1.71
CA TYR A 88 8.19 -17.32 3.16
C TYR A 88 7.38 -18.50 3.68
N THR A 89 7.96 -19.27 4.63
CA THR A 89 7.25 -20.40 5.18
C THR A 89 6.97 -20.24 6.68
N GLY A 90 7.38 -19.12 7.28
CA GLY A 90 7.06 -18.91 8.70
C GLY A 90 5.59 -18.54 8.93
N GLU A 91 5.23 -18.30 10.19
CA GLU A 91 3.88 -17.82 10.53
C GLU A 91 3.74 -16.41 10.02
N VAL A 92 2.67 -16.15 9.29
CA VAL A 92 2.41 -14.77 8.85
C VAL A 92 1.81 -13.98 9.99
N LYS A 93 2.36 -12.79 10.25
CA LYS A 93 1.86 -11.93 11.31
C LYS A 93 1.29 -10.67 10.71
N VAL A 94 0.24 -10.14 11.33
CA VAL A 94 -0.35 -8.89 10.83
C VAL A 94 0.06 -7.77 11.74
N VAL A 95 0.74 -6.77 11.17
CA VAL A 95 1.12 -5.57 11.96
C VAL A 95 -0.02 -4.53 11.85
N LEU A 96 -0.56 -4.08 12.99
CA LEU A 96 -1.61 -3.07 12.98
C LEU A 96 -1.21 -1.86 13.73
N PHE A 97 -1.50 -0.70 13.14
CA PHE A 97 -1.39 0.57 13.85
C PHE A 97 -2.80 1.02 14.19
N ASN A 98 -2.97 1.59 15.39
CA ASN A 98 -4.27 2.15 15.80
C ASN A 98 -4.09 3.66 15.92
N HIS A 99 -4.68 4.42 14.99
CA HIS A 99 -4.52 5.88 14.98
C HIS A 99 -5.64 6.63 15.74
N SER A 100 -6.48 5.88 16.41
CA SER A 100 -7.61 6.45 17.13
C SER A 100 -7.25 6.63 18.61
N GLN A 101 -8.15 7.26 19.34
CA GLN A 101 -8.00 7.41 20.79
C GLN A 101 -8.65 6.27 21.61
N ARG A 102 -9.07 5.22 20.95
CA ARG A 102 -9.72 4.10 21.63
C ARG A 102 -8.96 2.80 21.41
N ASP A 103 -8.64 2.05 22.47
CA ASP A 103 -8.05 0.70 22.30
C ASP A 103 -8.93 -0.16 21.42
N PHE A 104 -8.31 -1.01 20.61
CA PHE A 104 -9.03 -1.86 19.69
C PHE A 104 -8.85 -3.33 20.13
N ALA A 105 -9.95 -3.95 20.58
CA ALA A 105 -9.86 -5.31 21.14
C ALA A 105 -10.14 -6.30 20.02
N ILE A 106 -9.21 -7.23 19.85
CA ILE A 106 -9.34 -8.31 18.86
C ILE A 106 -9.47 -9.64 19.58
N LYS A 107 -10.47 -10.42 19.16
CA LYS A 107 -10.64 -11.78 19.66
C LYS A 107 -10.26 -12.79 18.59
N LYS A 108 -9.78 -13.95 19.02
CA LYS A 108 -9.60 -15.09 18.13
C LYS A 108 -10.82 -15.18 17.23
N GLY A 109 -10.59 -15.29 15.92
CA GLY A 109 -11.65 -15.46 14.97
C GLY A 109 -12.13 -14.16 14.34
N ASP A 110 -11.62 -13.02 14.80
CA ASP A 110 -11.98 -11.75 14.17
C ASP A 110 -11.11 -11.56 12.93
N ARG A 111 -11.70 -10.95 11.89
CA ARG A 111 -10.94 -10.66 10.66
C ARG A 111 -10.26 -9.32 10.81
N VAL A 112 -8.94 -9.29 10.61
CA VAL A 112 -8.15 -8.11 10.97
C VAL A 112 -7.45 -7.44 9.80
N ALA A 113 -7.50 -8.09 8.63
CA ALA A 113 -6.82 -7.56 7.42
C ALA A 113 -7.29 -8.35 6.24
N GLN A 114 -6.74 -8.06 5.05
CA GLN A 114 -7.03 -8.88 3.90
C GLN A 114 -5.79 -9.10 3.05
N LEU A 115 -5.63 -10.34 2.57
CA LEU A 115 -4.45 -10.70 1.77
C LEU A 115 -4.77 -10.47 0.29
N ILE A 116 -3.92 -9.75 -0.42
CA ILE A 116 -4.11 -9.51 -1.86
C ILE A 116 -2.93 -10.11 -2.62
N LEU A 117 -3.20 -10.87 -3.68
CA LEU A 117 -2.13 -11.57 -4.43
C LEU A 117 -1.70 -10.63 -5.53
N GLU A 118 -0.76 -9.74 -5.17
CA GLU A 118 -0.31 -8.68 -6.05
C GLU A 118 0.67 -9.21 -7.08
N LYS A 119 0.40 -8.98 -8.34
CA LYS A 119 1.37 -9.34 -9.38
C LYS A 119 2.54 -8.35 -9.43
N ILE A 120 3.76 -8.87 -9.56
CA ILE A 120 4.94 -8.02 -9.58
C ILE A 120 5.95 -8.59 -10.56
N VAL A 121 6.94 -7.76 -10.86
CA VAL A 121 8.16 -8.21 -11.55
C VAL A 121 9.17 -8.46 -10.44
N ASP A 122 9.54 -9.72 -10.21
CA ASP A 122 10.43 -9.97 -9.08
C ASP A 122 11.76 -10.51 -9.60
N ASP A 123 11.97 -10.37 -10.89
CA ASP A 123 13.22 -10.86 -11.49
C ASP A 123 13.77 -9.84 -12.45
N ALA A 124 13.66 -8.55 -12.11
CA ALA A 124 14.21 -7.52 -13.03
C ALA A 124 15.73 -7.65 -13.16
N GLN A 125 16.24 -7.16 -14.28
CA GLN A 125 17.66 -6.96 -14.47
C GLN A 125 17.96 -5.52 -14.09
N ILE A 126 18.86 -5.29 -13.14
CA ILE A 126 19.22 -3.95 -12.73
C ILE A 126 20.36 -3.43 -13.63
N VAL A 127 20.18 -2.28 -14.27
CA VAL A 127 21.26 -1.70 -15.08
C VAL A 127 21.54 -0.30 -14.60
N VAL A 128 22.78 -0.05 -14.22
CA VAL A 128 23.14 1.30 -13.81
C VAL A 128 23.46 2.11 -15.03
N VAL A 129 22.87 3.30 -15.10
CA VAL A 129 23.05 4.20 -16.25
C VAL A 129 23.47 5.62 -15.84
N ASP A 130 24.06 6.34 -16.77
CA ASP A 130 24.52 7.68 -16.46
C ASP A 130 23.39 8.66 -16.14
N SER A 131 22.31 8.57 -16.92
CA SER A 131 21.21 9.50 -16.74
C SER A 131 19.94 8.90 -17.28
N LEU A 132 18.81 9.07 -16.56
CA LEU A 132 17.55 8.62 -17.13
C LEU A 132 17.10 9.67 -18.17
N GLU A 133 17.69 10.86 -18.07
CA GLU A 133 17.46 12.04 -18.92
C GLU A 133 16.28 12.86 -18.45
N LYS B 7 12.92 -7.70 -18.46
CA LYS B 7 12.46 -6.46 -17.84
C LYS B 7 13.60 -5.82 -17.05
N VAL B 8 13.77 -4.53 -17.26
CA VAL B 8 14.98 -3.88 -16.85
C VAL B 8 14.59 -2.81 -15.85
N LEU B 9 15.31 -2.75 -14.74
CA LEU B 9 15.16 -1.63 -13.79
C LEU B 9 16.41 -0.76 -13.96
N LYS B 10 16.24 0.44 -14.50
CA LYS B 10 17.41 1.34 -14.75
C LYS B 10 17.65 2.18 -13.48
N ILE B 11 18.89 2.28 -13.03
CA ILE B 11 19.22 3.03 -11.81
C ILE B 11 20.26 4.11 -12.15
N GLN B 12 20.04 5.33 -11.68
CA GLN B 12 21.00 6.43 -11.82
C GLN B 12 21.47 6.76 -10.41
N LEU B 13 22.78 6.70 -10.21
CA LEU B 13 23.35 7.07 -8.92
C LEU B 13 23.77 8.54 -8.99
N ARG B 14 23.22 9.40 -8.12
CA ARG B 14 23.44 10.84 -8.23
C ARG B 14 24.59 11.32 -7.35
N SER B 15 25.10 10.43 -6.50
CA SER B 15 26.20 10.78 -5.61
C SER B 15 26.92 9.52 -5.17
N ALA B 16 28.14 9.69 -4.64
CA ALA B 16 28.90 8.52 -4.23
C ALA B 16 28.31 7.93 -2.93
N SER B 17 27.42 8.67 -2.28
CA SER B 17 26.77 8.13 -1.09
C SER B 17 25.59 7.21 -1.37
N ALA B 18 25.15 7.17 -2.63
CA ALA B 18 24.05 6.29 -3.02
C ALA B 18 24.45 4.81 -3.04
N THR B 19 23.49 3.92 -2.79
CA THR B 19 23.72 2.50 -2.94
C THR B 19 22.69 1.90 -3.91
N VAL B 20 23.16 1.07 -4.84
CA VAL B 20 22.23 0.42 -5.74
C VAL B 20 21.32 -0.49 -4.93
N PRO B 21 20.00 -0.39 -5.14
CA PRO B 21 19.05 -1.23 -4.38
C PRO B 21 19.35 -2.71 -4.52
N THR B 22 19.14 -3.46 -3.45
CA THR B 22 19.46 -4.88 -3.41
C THR B 22 18.34 -5.69 -2.80
N LYS B 23 18.10 -6.87 -3.36
CA LYS B 23 17.22 -7.81 -2.67
C LYS B 23 17.83 -8.38 -1.39
N GLY B 24 17.00 -8.55 -0.36
CA GLY B 24 17.49 -9.06 0.91
C GLY B 24 17.81 -10.54 0.79
N SER B 25 17.24 -11.18 -0.23
CA SER B 25 17.53 -12.56 -0.57
C SER B 25 17.14 -12.81 -2.03
N ALA B 26 17.51 -13.97 -2.55
CA ALA B 26 17.39 -14.22 -3.97
C ALA B 26 15.94 -14.20 -4.44
N THR B 27 15.03 -14.53 -3.54
CA THR B 27 13.64 -14.57 -3.95
C THR B 27 12.77 -13.54 -3.21
N ALA B 28 13.40 -12.51 -2.65
CA ALA B 28 12.64 -11.40 -2.05
C ALA B 28 11.75 -10.72 -3.08
N ALA B 29 10.63 -10.19 -2.60
CA ALA B 29 9.69 -9.51 -3.50
C ALA B 29 10.25 -8.15 -3.88
N GLY B 30 11.04 -7.57 -3.00
CA GLY B 30 11.41 -6.17 -3.09
C GLY B 30 12.90 -5.93 -3.04
N TYR B 31 13.31 -4.80 -3.59
CA TYR B 31 14.67 -4.33 -3.56
C TYR B 31 14.81 -3.33 -2.43
N ASP B 32 15.67 -3.62 -1.45
CA ASP B 32 15.87 -2.71 -0.35
C ASP B 32 16.50 -1.40 -0.85
N ILE B 33 16.01 -0.32 -0.29
CA ILE B 33 16.42 1.06 -0.61
C ILE B 33 17.22 1.58 0.57
N TYR B 34 18.37 2.18 0.26
CA TYR B 34 19.36 2.60 1.26
C TYR B 34 19.36 4.09 1.42
N ALA B 35 19.38 4.55 2.67
CA ALA B 35 19.61 5.98 2.93
C ALA B 35 21.01 6.38 2.44
N SER B 36 21.10 7.57 1.86
CA SER B 36 22.41 8.06 1.41
C SER B 36 22.93 9.13 2.36
N GLN B 37 22.08 9.58 3.30
CA GLN B 37 22.48 10.62 4.26
C GLN B 37 21.78 10.36 5.60
N ASP B 38 22.45 10.66 6.72
CA ASP B 38 21.80 10.52 8.04
C ASP B 38 20.60 11.44 8.16
N ILE B 39 19.59 10.98 8.89
CA ILE B 39 18.41 11.80 9.16
C ILE B 39 17.70 11.21 10.39
N THR B 40 16.94 12.02 11.12
CA THR B 40 16.18 11.46 12.24
C THR B 40 14.73 11.70 11.96
N ILE B 41 13.91 10.65 12.03
CA ILE B 41 12.47 10.81 11.84
C ILE B 41 11.84 11.03 13.24
N PRO B 42 11.22 12.20 13.47
CA PRO B 42 10.78 12.53 14.83
C PRO B 42 9.60 11.66 15.28
N ALA B 43 9.59 11.41 16.59
CA ALA B 43 8.48 10.80 17.26
C ALA B 43 7.19 11.46 16.82
N MET B 44 6.21 10.63 16.48
CA MET B 44 4.87 11.05 16.09
C MET B 44 4.88 12.06 14.97
N GLY B 45 5.85 11.93 14.08
CA GLY B 45 5.95 12.88 12.99
C GLY B 45 6.43 12.16 11.74
N GLN B 46 7.10 12.90 10.87
CA GLN B 46 7.47 12.31 9.59
C GLN B 46 8.72 12.94 9.07
N GLY B 47 9.28 12.32 8.06
CA GLY B 47 10.49 12.84 7.48
C GLY B 47 10.68 12.26 6.13
N MET B 48 11.68 12.80 5.43
CA MET B 48 11.97 12.40 4.07
C MET B 48 13.42 12.01 3.97
N VAL B 49 13.68 10.76 3.59
CA VAL B 49 15.05 10.22 3.54
C VAL B 49 15.63 10.36 2.14
N SER B 50 16.83 10.94 2.05
CA SER B 50 17.49 10.98 0.78
C SER B 50 18.06 9.65 0.40
N THR B 51 18.01 9.38 -0.89
CA THR B 51 18.67 8.17 -1.39
C THR B 51 19.75 8.47 -2.41
N ASP B 52 19.69 9.68 -2.97
CA ASP B 52 20.56 10.04 -4.12
C ASP B 52 20.50 9.05 -5.29
N ILE B 53 19.32 8.43 -5.50
CA ILE B 53 19.10 7.63 -6.70
C ILE B 53 17.86 8.06 -7.45
N SER B 54 17.84 7.74 -8.74
CA SER B 54 16.63 7.83 -9.57
C SER B 54 16.51 6.48 -10.24
N PHE B 55 15.32 6.12 -10.65
CA PHE B 55 15.21 4.88 -11.40
C PHE B 55 14.02 4.92 -12.35
N THR B 56 14.09 4.06 -13.36
CA THR B 56 12.97 3.87 -14.31
C THR B 56 12.57 2.42 -14.21
N VAL B 57 11.37 2.17 -13.67
CA VAL B 57 10.93 0.80 -13.51
C VAL B 57 10.54 0.18 -14.85
N PRO B 58 10.42 -1.16 -14.90
CA PRO B 58 9.99 -1.89 -16.09
C PRO B 58 8.67 -1.41 -16.69
N VAL B 59 8.53 -1.56 -18.01
CA VAL B 59 7.28 -1.22 -18.61
C VAL B 59 6.22 -2.14 -18.02
N GLY B 60 5.03 -1.59 -17.79
CA GLY B 60 3.94 -2.35 -17.18
C GLY B 60 3.94 -2.30 -15.66
N THR B 61 4.84 -1.54 -15.06
CA THR B 61 4.87 -1.47 -13.58
C THR B 61 4.95 0.01 -13.09
N TYR B 62 4.73 0.18 -11.79
CA TYR B 62 5.25 1.36 -11.11
C TYR B 62 6.10 0.88 -9.93
N GLY B 63 6.88 1.79 -9.35
CA GLY B 63 7.74 1.45 -8.22
C GLY B 63 6.98 1.80 -6.95
N ARG B 64 6.65 0.81 -6.13
CA ARG B 64 6.02 1.13 -4.84
C ARG B 64 7.06 1.10 -3.75
N ILE B 65 7.14 2.20 -3.00
CA ILE B 65 8.02 2.26 -1.83
C ILE B 65 7.27 1.69 -0.65
N ALA B 66 7.63 0.46 -0.30
CA ALA B 66 6.90 -0.32 0.70
C ALA B 66 7.70 -0.43 2.00
N PRO B 67 7.00 -0.66 3.12
CA PRO B 67 7.74 -0.71 4.38
C PRO B 67 8.45 -2.02 4.65
N ARG B 68 9.55 -1.96 5.38
CA ARG B 68 10.19 -3.18 5.91
C ARG B 68 9.50 -3.59 7.21
N SER B 69 9.32 -4.87 7.45
CA SER B 69 8.53 -5.28 8.62
C SER B 69 9.26 -5.02 9.91
N GLY B 70 10.57 -5.18 9.91
CA GLY B 70 11.30 -4.99 11.16
C GLY B 70 11.17 -3.56 11.68
N LEU B 71 11.31 -2.56 10.79
CA LEU B 71 11.24 -1.19 11.25
C LEU B 71 9.84 -0.83 11.68
N ALA B 72 8.84 -1.50 11.09
CA ALA B 72 7.47 -1.32 11.51
C ALA B 72 7.28 -1.77 12.94
N VAL B 73 7.74 -2.97 13.25
CA VAL B 73 7.48 -3.55 14.57
C VAL B 73 8.37 -2.89 15.61
N LYS B 74 9.64 -2.75 15.28
CA LYS B 74 10.63 -2.28 16.26
C LYS B 74 10.57 -0.78 16.46
N ASN B 75 10.22 -0.02 15.42
CA ASN B 75 10.44 1.42 15.49
C ASN B 75 9.20 2.25 15.15
N GLY B 76 8.10 1.56 14.84
CA GLY B 76 6.86 2.26 14.57
C GLY B 76 6.87 2.97 13.22
N ILE B 77 7.70 2.47 12.31
CA ILE B 77 7.88 3.18 11.01
C ILE B 77 6.95 2.63 9.89
N GLN B 78 6.31 3.55 9.17
CA GLN B 78 5.41 3.23 8.04
C GLN B 78 5.87 4.07 6.88
N THR B 79 5.90 3.53 5.66
CA THR B 79 6.19 4.42 4.54
C THR B 79 4.97 5.23 4.17
N GLY B 80 5.20 6.46 3.75
CA GLY B 80 4.13 7.28 3.21
C GLY B 80 4.33 7.46 1.71
N ALA B 81 3.37 8.14 1.07
CA ALA B 81 3.42 8.39 -0.36
C ALA B 81 3.80 7.10 -1.07
N GLY B 82 4.85 7.13 -1.87
CA GLY B 82 5.43 5.84 -2.26
C GLY B 82 5.04 5.33 -3.63
N VAL B 83 4.30 6.12 -4.39
CA VAL B 83 4.03 5.71 -5.79
C VAL B 83 5.06 6.36 -6.70
N VAL B 84 6.02 5.59 -7.22
CA VAL B 84 7.00 6.16 -8.17
C VAL B 84 6.59 5.82 -9.59
N ASP B 85 6.17 6.83 -10.34
CA ASP B 85 5.75 6.58 -11.73
C ASP B 85 6.91 6.19 -12.63
N ARG B 86 6.60 5.44 -13.68
CA ARG B 86 7.65 4.94 -14.55
C ARG B 86 8.36 6.12 -15.23
N ASP B 87 7.66 7.24 -15.43
CA ASP B 87 8.30 8.39 -16.07
C ASP B 87 8.95 9.38 -15.10
N TYR B 88 9.00 9.04 -13.81
CA TYR B 88 9.63 9.98 -12.84
C TYR B 88 11.16 9.86 -12.89
N THR B 89 11.86 10.97 -13.15
CA THR B 89 13.30 10.90 -13.28
C THR B 89 14.03 11.70 -12.21
N GLY B 90 13.28 12.24 -11.25
CA GLY B 90 13.90 12.97 -10.14
C GLY B 90 14.50 12.05 -9.09
N GLU B 91 15.07 12.61 -8.03
CA GLU B 91 15.60 11.78 -6.98
C GLU B 91 14.41 11.15 -6.28
N VAL B 92 14.52 9.87 -5.99
CA VAL B 92 13.44 9.21 -5.27
C VAL B 92 13.73 9.41 -3.79
N LYS B 93 12.81 10.01 -3.04
CA LYS B 93 13.05 10.11 -1.61
C LYS B 93 12.08 9.17 -0.90
N VAL B 94 12.43 8.71 0.30
CA VAL B 94 11.53 7.78 1.00
C VAL B 94 10.85 8.56 2.08
N VAL B 95 9.52 8.64 2.03
CA VAL B 95 8.75 9.36 3.07
C VAL B 95 8.42 8.35 4.15
N LEU B 96 8.80 8.67 5.40
CA LEU B 96 8.51 7.78 6.53
C LEU B 96 7.65 8.50 7.56
N PHE B 97 6.60 7.83 8.03
CA PHE B 97 5.87 8.25 9.19
C PHE B 97 6.43 7.48 10.40
N ASN B 98 6.56 8.19 11.52
CA ASN B 98 6.98 7.53 12.80
C ASN B 98 5.77 7.61 13.73
N HIS B 99 5.12 6.48 13.92
CA HIS B 99 3.92 6.40 14.74
C HIS B 99 4.25 6.10 16.19
N SER B 100 5.52 6.09 16.55
CA SER B 100 5.94 5.80 17.93
C SER B 100 6.24 7.07 18.65
N GLN B 101 6.49 6.99 19.96
CA GLN B 101 6.86 8.15 20.72
C GLN B 101 8.37 8.25 20.83
N ARG B 102 9.11 7.47 20.03
CA ARG B 102 10.57 7.53 20.03
C ARG B 102 11.11 8.03 18.69
N ASP B 103 12.05 8.98 18.72
CA ASP B 103 12.71 9.41 17.47
C ASP B 103 13.43 8.23 16.81
N PHE B 104 13.45 8.18 15.47
CA PHE B 104 14.12 7.08 14.80
C PHE B 104 15.29 7.63 14.03
N ALA B 105 16.48 7.20 14.43
CA ALA B 105 17.69 7.66 13.77
C ALA B 105 18.09 6.74 12.62
N ILE B 106 18.43 7.35 11.49
CA ILE B 106 18.81 6.68 10.28
C ILE B 106 20.22 7.13 9.92
N LYS B 107 21.08 6.16 9.61
CA LYS B 107 22.43 6.51 9.18
C LYS B 107 22.55 6.18 7.69
N LYS B 108 23.36 6.95 6.97
CA LYS B 108 23.77 6.56 5.64
C LYS B 108 24.07 5.05 5.58
N GLY B 109 23.47 4.37 4.61
CA GLY B 109 23.70 2.96 4.35
C GLY B 109 22.70 2.02 5.00
N ASP B 110 21.82 2.58 5.84
CA ASP B 110 20.72 1.82 6.45
C ASP B 110 19.68 1.53 5.39
N ARG B 111 19.11 0.32 5.42
CA ARG B 111 17.97 0.00 4.54
C ARG B 111 16.66 0.47 5.14
N VAL B 112 15.98 1.41 4.47
CA VAL B 112 14.85 2.13 5.10
C VAL B 112 13.47 1.80 4.53
N ALA B 113 13.45 1.04 3.44
CA ALA B 113 12.22 0.71 2.75
C ALA B 113 12.54 -0.37 1.69
N GLN B 114 11.54 -0.86 0.95
CA GLN B 114 11.82 -1.81 -0.11
C GLN B 114 10.97 -1.40 -1.32
N LEU B 115 11.60 -1.46 -2.49
CA LEU B 115 10.93 -1.10 -3.73
C LEU B 115 10.30 -2.33 -4.31
N ILE B 116 9.01 -2.24 -4.64
CA ILE B 116 8.30 -3.40 -5.22
C ILE B 116 7.89 -2.95 -6.61
N LEU B 117 8.20 -3.77 -7.62
CA LEU B 117 7.85 -3.41 -9.00
C LEU B 117 6.45 -4.00 -9.29
N GLU B 118 5.45 -3.22 -8.91
CA GLU B 118 4.04 -3.63 -8.97
C GLU B 118 3.51 -3.56 -10.39
N LYS B 119 2.95 -4.66 -10.84
CA LYS B 119 2.32 -4.68 -12.15
C LYS B 119 0.96 -4.03 -12.15
N ILE B 120 0.70 -3.21 -13.17
CA ILE B 120 -0.52 -2.42 -13.26
C ILE B 120 -1.00 -2.37 -14.67
N VAL B 121 -2.28 -2.01 -14.82
CA VAL B 121 -2.78 -1.59 -16.13
C VAL B 121 -2.50 -0.07 -16.28
N ASP B 122 -1.61 0.31 -17.19
CA ASP B 122 -1.22 1.72 -17.25
C ASP B 122 -1.63 2.28 -18.61
N ASP B 123 -2.50 1.56 -19.30
CA ASP B 123 -2.94 2.00 -20.63
C ASP B 123 -4.45 1.82 -20.80
N ALA B 124 -5.19 1.89 -19.71
CA ALA B 124 -6.64 1.77 -19.80
C ALA B 124 -7.23 2.98 -20.50
N GLN B 125 -8.44 2.83 -21.03
CA GLN B 125 -9.15 3.97 -21.55
C GLN B 125 -10.33 4.25 -20.65
N ILE B 126 -10.53 5.52 -20.34
CA ILE B 126 -11.66 5.95 -19.54
C ILE B 126 -12.93 6.08 -20.37
N VAL B 127 -14.00 5.47 -19.89
CA VAL B 127 -15.28 5.58 -20.54
C VAL B 127 -16.26 6.01 -19.49
N VAL B 128 -16.86 7.20 -19.69
CA VAL B 128 -17.86 7.72 -18.77
C VAL B 128 -19.21 7.14 -19.15
N VAL B 129 -19.88 6.54 -18.17
CA VAL B 129 -21.15 5.88 -18.42
C VAL B 129 -22.18 6.46 -17.47
N ASP B 130 -23.44 6.32 -17.84
CA ASP B 130 -24.51 6.85 -16.99
C ASP B 130 -24.74 5.91 -15.81
N SER B 131 -24.51 4.62 -16.02
CA SER B 131 -24.59 3.61 -14.93
C SER B 131 -23.57 2.48 -15.15
N LEU B 132 -23.07 1.91 -14.06
CA LEU B 132 -22.10 0.82 -14.17
C LEU B 132 -22.75 -0.48 -14.62
N ASP C 6 -11.00 -4.90 -19.41
CA ASP C 6 -9.62 -5.41 -19.66
C ASP C 6 -8.56 -4.29 -19.85
N LYS C 7 -8.95 -3.30 -20.63
CA LYS C 7 -8.19 -2.07 -20.77
C LYS C 7 -9.20 -0.94 -20.81
N VAL C 8 -10.32 -1.12 -20.11
CA VAL C 8 -11.31 -0.06 -19.99
C VAL C 8 -11.58 0.20 -18.48
N LEU C 9 -11.56 1.48 -18.13
CA LEU C 9 -11.95 1.92 -16.79
C LEU C 9 -13.28 2.64 -16.96
N LYS C 10 -14.37 2.06 -16.46
CA LYS C 10 -15.67 2.70 -16.58
C LYS C 10 -15.90 3.64 -15.39
N ILE C 11 -16.41 4.85 -15.64
CA ILE C 11 -16.54 5.87 -14.60
C ILE C 11 -17.97 6.37 -14.58
N GLN C 12 -18.63 6.33 -13.44
CA GLN C 12 -19.98 6.91 -13.30
C GLN C 12 -19.89 8.14 -12.44
N LEU C 13 -20.29 9.30 -12.95
CA LEU C 13 -20.33 10.54 -12.15
C LEU C 13 -21.66 10.64 -11.45
N ARG C 14 -21.63 10.85 -10.15
CA ARG C 14 -22.84 10.76 -9.33
C ARG C 14 -23.29 12.16 -8.95
N SER C 15 -22.50 13.16 -9.28
CA SER C 15 -22.85 14.55 -8.96
C SER C 15 -22.14 15.52 -9.88
N ALA C 16 -22.71 16.70 -10.10
CA ALA C 16 -22.07 17.73 -10.90
C ALA C 16 -20.76 18.19 -10.29
N SER C 17 -20.53 17.93 -9.00
CA SER C 17 -19.29 18.46 -8.43
C SER C 17 -18.20 17.40 -8.42
N ALA C 18 -18.48 16.25 -9.01
CA ALA C 18 -17.40 15.28 -9.22
C ALA C 18 -16.49 15.67 -10.38
N THR C 19 -15.30 15.08 -10.38
CA THR C 19 -14.33 15.28 -11.47
C THR C 19 -13.98 13.91 -12.07
N VAL C 20 -14.07 13.72 -13.40
CA VAL C 20 -13.58 12.46 -14.00
C VAL C 20 -12.09 12.31 -13.67
N PRO C 21 -11.67 11.16 -13.14
CA PRO C 21 -10.26 11.03 -12.79
C PRO C 21 -9.39 11.21 -14.02
N THR C 22 -8.20 11.77 -13.82
CA THR C 22 -7.33 12.21 -14.90
C THR C 22 -5.96 11.57 -14.72
N LYS C 23 -5.37 11.09 -15.81
CA LYS C 23 -4.03 10.58 -15.74
C LYS C 23 -3.15 11.76 -16.08
N GLY C 24 -3.32 12.26 -17.30
CA GLY C 24 -2.59 13.42 -17.76
C GLY C 24 -1.38 13.00 -18.55
N SER C 25 -0.47 12.31 -17.88
CA SER C 25 0.70 11.74 -18.54
C SER C 25 0.39 10.30 -18.87
N ALA C 26 0.58 9.92 -20.14
CA ALA C 26 0.18 8.60 -20.60
C ALA C 26 0.93 7.52 -19.86
N THR C 27 1.97 7.91 -19.14
CA THR C 27 2.81 6.94 -18.44
C THR C 27 2.91 7.18 -16.91
N ALA C 28 1.94 7.91 -16.35
CA ALA C 28 1.78 7.93 -14.91
C ALA C 28 1.18 6.63 -14.43
N ALA C 29 1.43 6.28 -13.17
CA ALA C 29 0.92 5.04 -12.58
C ALA C 29 -0.59 5.07 -12.33
N GLY C 30 -1.12 6.25 -12.03
CA GLY C 30 -2.46 6.33 -11.46
C GLY C 30 -3.29 7.48 -12.00
N TYR C 31 -4.58 7.46 -11.70
CA TYR C 31 -5.51 8.51 -12.13
C TYR C 31 -5.80 9.36 -10.91
N ASP C 32 -5.69 10.66 -11.03
CA ASP C 32 -5.92 11.51 -9.86
C ASP C 32 -7.39 11.48 -9.50
N ILE C 33 -7.65 11.39 -8.19
CA ILE C 33 -8.99 11.38 -7.64
C ILE C 33 -9.25 12.69 -6.88
N TYR C 34 -10.41 13.31 -7.13
CA TYR C 34 -10.69 14.66 -6.63
C TYR C 34 -11.83 14.64 -5.65
N ALA C 35 -11.71 15.39 -4.56
CA ALA C 35 -12.84 15.61 -3.66
C ALA C 35 -14.00 16.26 -4.38
N SER C 36 -15.22 15.80 -4.08
CA SER C 36 -16.42 16.43 -4.63
C SER C 36 -17.18 17.32 -3.63
N GLN C 37 -16.74 17.33 -2.37
CA GLN C 37 -17.38 18.14 -1.31
C GLN C 37 -16.33 18.61 -0.34
N ASP C 38 -16.47 19.84 0.15
CA ASP C 38 -15.53 20.34 1.15
C ASP C 38 -15.57 19.46 2.40
N ILE C 39 -14.41 19.27 3.01
CA ILE C 39 -14.31 18.48 4.24
C ILE C 39 -13.00 18.88 4.93
N THR C 40 -13.00 18.83 6.25
CA THR C 40 -11.76 19.07 7.00
C THR C 40 -11.36 17.80 7.72
N ILE C 41 -10.10 17.40 7.53
CA ILE C 41 -9.57 16.21 8.21
C ILE C 41 -8.89 16.72 9.47
N PRO C 42 -9.45 16.41 10.65
CA PRO C 42 -8.93 17.00 11.89
C PRO C 42 -7.53 16.52 12.24
N ALA C 43 -6.77 17.38 12.91
CA ALA C 43 -5.42 17.06 13.34
C ALA C 43 -5.45 15.82 14.23
N MET C 44 -4.48 14.92 14.05
CA MET C 44 -4.41 13.65 14.79
C MET C 44 -5.76 12.90 14.71
N GLY C 45 -6.41 12.99 13.56
CA GLY C 45 -7.72 12.36 13.41
C GLY C 45 -7.84 11.83 11.99
N GLN C 46 -9.08 11.63 11.56
CA GLN C 46 -9.32 11.05 10.25
C GLN C 46 -10.65 11.54 9.67
N GLY C 47 -10.84 11.30 8.39
CA GLY C 47 -12.09 11.69 7.73
C GLY C 47 -12.31 10.85 6.50
N MET C 48 -13.52 10.92 5.93
CA MET C 48 -13.82 10.15 4.72
C MET C 48 -14.23 11.18 3.67
N VAL C 49 -13.46 11.29 2.60
CA VAL C 49 -13.71 12.28 1.57
C VAL C 49 -14.64 11.76 0.50
N SER C 50 -15.70 12.50 0.19
CA SER C 50 -16.58 12.12 -0.90
C SER C 50 -15.97 12.45 -2.22
N THR C 51 -16.21 11.60 -3.20
CA THR C 51 -15.74 11.85 -4.57
C THR C 51 -16.92 11.97 -5.53
N ASP C 52 -18.09 11.42 -5.15
CA ASP C 52 -19.23 11.30 -6.08
C ASP C 52 -18.89 10.61 -7.41
N ILE C 53 -18.03 9.62 -7.34
CA ILE C 53 -17.81 8.74 -8.50
C ILE C 53 -17.90 7.29 -8.09
N SER C 54 -18.32 6.46 -9.04
CA SER C 54 -18.24 5.01 -8.93
C SER C 54 -17.44 4.57 -10.15
N PHE C 55 -16.73 3.45 -10.05
CA PHE C 55 -16.08 2.94 -11.24
C PHE C 55 -15.98 1.43 -11.23
N THR C 56 -15.74 0.87 -12.41
CA THR C 56 -15.47 -0.56 -12.57
C THR C 56 -14.07 -0.68 -13.20
N VAL C 57 -13.11 -1.25 -12.46
CA VAL C 57 -11.73 -1.36 -12.94
C VAL C 57 -11.65 -2.53 -13.95
N PRO C 58 -10.58 -2.57 -14.75
CA PRO C 58 -10.41 -3.69 -15.72
C PRO C 58 -10.39 -5.08 -15.08
N VAL C 59 -10.85 -6.12 -15.81
CA VAL C 59 -10.68 -7.48 -15.29
C VAL C 59 -9.20 -7.74 -15.02
N GLY C 60 -8.96 -8.50 -13.97
CA GLY C 60 -7.63 -8.87 -13.54
C GLY C 60 -6.99 -7.77 -12.67
N THR C 61 -7.77 -6.75 -12.30
CA THR C 61 -7.22 -5.73 -11.37
C THR C 61 -8.15 -5.48 -10.20
N TYR C 62 -7.66 -4.74 -9.22
CA TYR C 62 -8.57 -4.04 -8.30
C TYR C 62 -8.11 -2.59 -8.32
N GLY C 63 -8.92 -1.71 -7.77
CA GLY C 63 -8.55 -0.30 -7.72
C GLY C 63 -7.91 0.03 -6.40
N ARG C 64 -6.64 0.47 -6.38
CA ARG C 64 -6.06 0.90 -5.10
C ARG C 64 -6.09 2.41 -4.99
N ILE C 65 -6.72 2.88 -3.93
CA ILE C 65 -6.70 4.30 -3.62
C ILE C 65 -5.38 4.49 -2.91
N ALA C 66 -4.50 5.21 -3.58
CA ALA C 66 -3.14 5.43 -3.13
C ALA C 66 -2.87 6.91 -2.90
N PRO C 67 -1.82 7.18 -2.13
CA PRO C 67 -1.62 8.58 -1.79
C PRO C 67 -1.06 9.42 -2.92
N ARG C 68 -1.43 10.69 -2.90
CA ARG C 68 -0.64 11.68 -3.60
C ARG C 68 0.63 12.00 -2.80
N SER C 69 1.78 12.23 -3.46
CA SER C 69 3.01 12.44 -2.67
C SER C 69 3.05 13.77 -1.92
N GLY C 70 2.50 14.81 -2.49
CA GLY C 70 2.62 16.10 -1.83
C GLY C 70 1.94 16.15 -0.46
N LEU C 71 0.82 15.42 -0.31
CA LEU C 71 0.03 15.53 0.92
C LEU C 71 0.69 14.88 2.11
N ALA C 72 1.43 13.80 1.87
CA ALA C 72 2.09 13.11 2.96
C ALA C 72 3.11 14.04 3.61
N VAL C 73 3.99 14.62 2.81
CA VAL C 73 5.05 15.45 3.38
C VAL C 73 4.52 16.74 3.97
N LYS C 74 3.73 17.45 3.18
CA LYS C 74 3.37 18.82 3.52
C LYS C 74 2.23 18.91 4.53
N ASN C 75 1.45 17.83 4.66
CA ASN C 75 0.29 17.88 5.54
C ASN C 75 0.17 16.72 6.54
N GLY C 76 1.07 15.74 6.53
CA GLY C 76 0.96 14.62 7.45
C GLY C 76 -0.22 13.69 7.10
N ILE C 77 -0.70 13.75 5.88
CA ILE C 77 -1.87 12.97 5.45
C ILE C 77 -1.46 11.62 4.89
N GLN C 78 -2.06 10.54 5.40
CA GLN C 78 -1.83 9.18 4.91
C GLN C 78 -3.17 8.65 4.40
N THR C 79 -3.17 7.91 3.31
CA THR C 79 -4.37 7.39 2.75
C THR C 79 -4.63 6.06 3.49
N GLY C 80 -5.83 5.82 3.97
CA GLY C 80 -6.14 4.58 4.68
C GLY C 80 -6.94 3.67 3.78
N ALA C 81 -7.32 2.51 4.30
CA ALA C 81 -8.13 1.55 3.59
C ALA C 81 -7.62 1.39 2.16
N GLY C 82 -8.46 1.60 1.15
CA GLY C 82 -7.89 1.77 -0.18
C GLY C 82 -8.10 0.64 -1.17
N VAL C 83 -8.73 -0.44 -0.73
CA VAL C 83 -8.95 -1.60 -1.64
C VAL C 83 -10.35 -1.56 -2.24
N VAL C 84 -10.43 -1.24 -3.53
CA VAL C 84 -11.73 -1.16 -4.22
C VAL C 84 -11.91 -2.38 -5.13
N ASP C 85 -12.90 -3.23 -4.86
CA ASP C 85 -13.12 -4.39 -5.68
C ASP C 85 -13.69 -4.04 -7.07
N ARG C 86 -13.42 -4.87 -8.05
CA ARG C 86 -13.91 -4.61 -9.38
C ARG C 86 -15.43 -4.53 -9.44
N ASP C 87 -16.10 -5.28 -8.57
CA ASP C 87 -17.57 -5.29 -8.66
C ASP C 87 -18.25 -4.28 -7.74
N TYR C 88 -17.48 -3.39 -7.14
CA TYR C 88 -18.08 -2.39 -6.27
C TYR C 88 -18.81 -1.32 -7.05
N THR C 89 -20.05 -1.02 -6.66
CA THR C 89 -20.85 -0.04 -7.38
C THR C 89 -21.28 1.14 -6.52
N GLY C 90 -20.85 1.18 -5.27
CA GLY C 90 -21.17 2.32 -4.45
C GLY C 90 -20.32 3.50 -4.78
N GLU C 91 -20.49 4.58 -4.03
CA GLU C 91 -19.60 5.75 -4.16
C GLU C 91 -18.24 5.40 -3.59
N VAL C 92 -17.20 5.72 -4.35
CA VAL C 92 -15.83 5.52 -3.85
C VAL C 92 -15.46 6.66 -2.90
N LYS C 93 -15.02 6.32 -1.70
CA LYS C 93 -14.65 7.31 -0.72
C LYS C 93 -13.20 7.16 -0.39
N VAL C 94 -12.56 8.29 -0.09
CA VAL C 94 -11.17 8.27 0.33
C VAL C 94 -11.02 8.44 1.80
N VAL C 95 -10.41 7.44 2.44
CA VAL C 95 -10.14 7.49 3.87
C VAL C 95 -8.80 8.18 4.07
N LEU C 96 -8.78 9.29 4.81
CA LEU C 96 -7.52 9.98 5.13
C LEU C 96 -7.29 10.08 6.62
N PHE C 97 -6.06 9.75 7.04
CA PHE C 97 -5.60 9.99 8.36
C PHE C 97 -4.74 11.24 8.33
N ASN C 98 -4.97 12.09 9.29
CA ASN C 98 -4.12 13.28 9.51
C ASN C 98 -3.21 13.04 10.73
N HIS C 99 -1.93 12.73 10.48
CA HIS C 99 -0.97 12.41 11.54
C HIS C 99 -0.20 13.66 11.92
N SER C 100 -0.62 14.82 11.41
CA SER C 100 -0.02 16.07 11.83
C SER C 100 -0.80 16.77 12.92
N GLN C 101 -0.26 17.90 13.34
CA GLN C 101 -0.90 18.70 14.36
C GLN C 101 -1.79 19.81 13.76
N ARG C 102 -1.92 19.85 12.44
CA ARG C 102 -2.71 20.88 11.79
C ARG C 102 -3.92 20.26 11.08
N ASP C 103 -5.12 20.78 11.29
CA ASP C 103 -6.29 20.35 10.49
C ASP C 103 -5.99 20.53 9.03
N PHE C 104 -6.56 19.65 8.20
CA PHE C 104 -6.28 19.68 6.77
C PHE C 104 -7.57 19.98 6.03
N ALA C 105 -7.64 21.15 5.44
CA ALA C 105 -8.84 21.60 4.75
C ALA C 105 -8.84 21.15 3.34
N ILE C 106 -9.94 20.52 2.95
CA ILE C 106 -10.08 20.06 1.60
C ILE C 106 -11.28 20.76 0.97
N LYS C 107 -11.08 21.33 -0.22
CA LYS C 107 -12.17 21.95 -0.95
C LYS C 107 -12.60 21.09 -2.12
N LYS C 108 -13.87 21.17 -2.43
CA LYS C 108 -14.36 20.61 -3.67
C LYS C 108 -13.43 20.91 -4.85
N GLY C 109 -13.00 19.85 -5.55
CA GLY C 109 -12.11 19.99 -6.67
C GLY C 109 -10.66 19.75 -6.33
N ASP C 110 -10.31 19.63 -5.04
CA ASP C 110 -8.91 19.32 -4.68
C ASP C 110 -8.55 17.88 -5.01
N ARG C 111 -7.30 17.66 -5.47
CA ARG C 111 -6.80 16.30 -5.64
C ARG C 111 -6.41 15.70 -4.32
N VAL C 112 -7.01 14.55 -4.00
CA VAL C 112 -6.78 13.97 -2.69
C VAL C 112 -6.15 12.58 -2.68
N ALA C 113 -6.03 11.91 -3.84
CA ALA C 113 -5.46 10.58 -3.87
C ALA C 113 -5.23 10.23 -5.33
N GLN C 114 -4.79 9.01 -5.58
CA GLN C 114 -4.75 8.54 -6.97
C GLN C 114 -5.24 7.11 -7.00
N LEU C 115 -5.79 6.72 -8.13
CA LEU C 115 -6.33 5.36 -8.31
C LEU C 115 -5.35 4.61 -9.14
N ILE C 116 -4.86 3.48 -8.62
CA ILE C 116 -3.94 2.64 -9.40
C ILE C 116 -4.65 1.33 -9.75
N LEU C 117 -4.59 0.94 -11.01
CA LEU C 117 -5.28 -0.29 -11.41
C LEU C 117 -4.29 -1.44 -11.21
N GLU C 118 -4.26 -2.00 -10.01
CA GLU C 118 -3.24 -2.98 -9.63
C GLU C 118 -3.58 -4.35 -10.18
N LYS C 119 -2.67 -4.98 -10.92
CA LYS C 119 -2.90 -6.36 -11.40
C LYS C 119 -2.74 -7.35 -10.25
N ILE C 120 -3.69 -8.30 -10.15
CA ILE C 120 -3.68 -9.32 -9.12
C ILE C 120 -4.08 -10.67 -9.73
N VAL C 121 -3.79 -11.74 -9.00
CA VAL C 121 -4.43 -13.03 -9.29
C VAL C 121 -5.77 -13.02 -8.56
N ASP C 122 -6.88 -13.00 -9.30
CA ASP C 122 -8.17 -12.89 -8.62
C ASP C 122 -8.98 -14.17 -8.73
N ASP C 123 -8.35 -15.20 -9.28
CA ASP C 123 -9.00 -16.50 -9.47
C ASP C 123 -8.10 -17.63 -9.00
N ALA C 124 -7.39 -17.42 -7.89
CA ALA C 124 -6.52 -18.45 -7.34
C ALA C 124 -7.41 -19.59 -6.82
N GLN C 125 -6.86 -20.79 -6.75
CA GLN C 125 -7.55 -21.90 -6.06
C GLN C 125 -6.83 -22.11 -4.73
N ILE C 126 -7.56 -22.04 -3.61
CA ILE C 126 -6.95 -22.32 -2.31
C ILE C 126 -6.82 -23.82 -2.13
N VAL C 127 -5.62 -24.25 -1.78
CA VAL C 127 -5.35 -25.64 -1.47
C VAL C 127 -4.81 -25.68 -0.06
N VAL C 128 -5.54 -26.32 0.86
CA VAL C 128 -5.06 -26.42 2.25
C VAL C 128 -4.13 -27.63 2.33
N VAL C 129 -2.93 -27.44 2.90
CA VAL C 129 -1.92 -28.49 2.97
C VAL C 129 -1.43 -28.66 4.39
N ASP C 130 -0.93 -29.85 4.72
CA ASP C 130 -0.40 -30.05 6.06
C ASP C 130 0.93 -29.34 6.24
N SER C 131 1.66 -29.17 5.15
CA SER C 131 2.94 -28.46 5.22
C SER C 131 3.26 -27.83 3.89
N LEU C 132 3.88 -26.64 3.90
CA LEU C 132 4.26 -26.01 2.66
C LEU C 132 5.50 -26.70 2.09
N GLU C 133 6.17 -27.50 2.91
CA GLU C 133 7.40 -28.19 2.49
C GLU C 133 7.05 -29.35 1.57
O4 DUP D . -10.69 3.18 0.67
C4 DUP D . -11.79 2.52 0.36
C5 DUP D . -11.91 1.16 0.57
C6 DUP D . -13.06 0.53 0.21
N3 DUP D . -12.79 3.24 -0.20
C2 DUP D . -13.94 2.59 -0.57
O2 DUP D . -14.83 3.28 -1.05
N1 DUP D . -14.09 1.24 -0.34
C1' DUP D . -15.25 0.49 -0.73
C2' DUP D . -15.01 -0.31 -1.99
C3' DUP D . -14.68 -1.66 -1.50
O3' DUP D . -14.86 -2.65 -2.48
O4' DUP D . -15.61 -0.50 0.26
C4' DUP D . -15.58 -1.84 -0.34
C5' DUP D . -15.06 -2.80 0.62
O5' DUP D . -13.79 -2.58 1.15
PA DUP D . -13.17 -3.58 2.28
O1A DUP D . -13.26 -5.13 1.90
O2A DUP D . -11.75 -2.95 2.55
N3A DUP D . -14.14 -3.04 3.56
PB DUP D . -14.73 -4.23 4.69
O1B DUP D . -14.73 -3.52 6.07
O2B DUP D . -13.99 -5.64 4.75
O3B DUP D . -16.26 -4.26 4.41
PG DUP D . -16.93 -5.28 3.36
O2G DUP D . -15.95 -6.19 2.63
O1G DUP D . -17.92 -6.21 4.08
O3G DUP D . -17.70 -4.40 2.40
MG MG E . -14.05 -6.67 2.92
O4 DUP F . 3.40 -7.74 7.55
C4 DUP F . 4.33 -8.69 7.41
C5 DUP F . 5.50 -8.48 6.69
C6 DUP F . 6.39 -9.51 6.59
N3 DUP F . 4.05 -9.88 8.01
C2 DUP F . 4.95 -10.89 7.86
O2 DUP F . 4.72 -11.96 8.37
N1 DUP F . 6.10 -10.71 7.17
C1' DUP F . 7.08 -11.75 7.02
C2' DUP F . 7.03 -12.39 5.66
C3' DUP F . 8.11 -11.68 4.92
O3' DUP F . 8.49 -12.38 3.76
O4' DUP F . 8.41 -11.21 7.16
C4' DUP F . 9.19 -11.48 5.92
C5' DUP F . 10.11 -10.38 5.60
O5' DUP F . 9.49 -9.14 5.40
PA DUP F . 10.37 -7.77 5.21
O1A DUP F . 11.41 -7.89 4.05
O2A DUP F . 9.29 -6.64 5.13
N3A DUP F . 10.98 -7.64 6.75
PB DUP F . 12.61 -7.22 6.98
O1B DUP F . 12.61 -6.40 8.31
O2B DUP F . 13.29 -6.57 5.72
O3B DUP F . 13.30 -8.57 7.44
PG DUP F . 14.15 -9.54 6.49
O2G DUP F . 13.99 -9.34 5.00
O1G DUP F . 15.63 -9.46 6.87
O3G DUP F . 13.70 -10.93 6.85
O4 DUP G . 7.41 8.25 -1.84
C4 DUP G . 7.53 8.90 -3.02
C5 DUP G . 6.46 9.21 -3.82
C6 DUP G . 6.68 9.86 -5.01
N3 DUP G . 8.80 9.21 -3.39
C2 DUP G . 9.00 9.84 -4.58
O2 DUP G . 10.13 10.14 -4.91
N1 DUP G . 7.95 10.18 -5.36
C1' DUP G . 8.16 10.84 -6.61
C2' DUP G . 7.93 9.84 -7.69
C3' DUP G . 6.59 10.18 -8.19
O3' DUP G . 6.34 9.65 -9.44
O4' DUP G . 7.22 11.89 -6.79
C4' DUP G . 6.54 11.65 -8.09
C5' DUP G . 5.19 12.15 -7.98
O5' DUP G . 4.43 11.64 -6.93
PA DUP G . 2.83 11.93 -6.69
O1A DUP G . 1.69 11.69 -7.79
O2A DUP G . 2.82 10.98 -5.39
N3A DUP G . 2.97 13.45 -5.98
PB DUP G . 1.78 14.59 -6.48
O1B DUP G . 1.62 15.37 -5.07
O2B DUP G . 0.45 14.09 -7.23
O3B DUP G . 2.70 15.70 -7.10
PG DUP G . 3.31 15.66 -8.56
O2G DUP G . 2.94 14.36 -9.23
O1G DUP G . 2.67 16.78 -9.36
O3G DUP G . 4.81 15.84 -8.49
MG MG H . 13.38 -7.59 4.00
MG MG I . 0.24 12.56 -9.09
#